data_8BJS
#
_entry.id   8BJS
#
_cell.length_a   132.438
_cell.length_b   48.490
_cell.length_c   85.836
_cell.angle_alpha   90.000
_cell.angle_beta   124.410
_cell.angle_gamma   90.000
#
_symmetry.space_group_name_H-M   'C 1 2 1'
#
loop_
_entity.id
_entity.type
_entity.pdbx_description
1 polymer 'Kinesin-like protein KIF20A'
2 polymer UNK-UNK-UNK-UNK
3 non-polymer 'SULFATE ION'
4 water water
#
loop_
_entity_poly.entity_id
_entity_poly.type
_entity_poly.pdbx_seq_one_letter_code
_entity_poly.pdbx_strand_id
1 'polypeptide(L)'
;MALLEDTSEKVKVYLRIRPFLTSELDRQEDQGCVCIENTETLVLQAPKDSFALKSNERGVGQATHKFTFSQIFGPEVGQV
AFFNLTMKEMVKDVLKGQNWLIYTYGVTNSGKTYTIQGTSKDAGILPQSLALIFNSLQGQLHPTPDLKPLLSNEVIWLDS
KQIRQEEMKKLSLLIGGLQEEELSTSVKKRVHTESRIGASNSFDSGVAGLSSTSQFTSSSQLDETSQLWAQPDTVPVSVP
ADIRFSVWISFFEIYNELLYDLLEPPSHQHKRQTLRLCEDQNGNPYVKDLNWIHVRDVEEAWKLLKVGRKNQSFASTHMN
QQSSRSHSIFSIRILHLQGEGDIVPKISELSLCDLAGSERCKHQKSGERLKEAGNINTSLHTLGRCIAALRQNQQNRSKQ
NLIPFRDSKLTRVFQGFFTGRGRSCMIVNVNPCASTYDETLHAAKFSALASQLVHAPLEHHHHHH
;
A
2 'polypeptide(L)' (UNK)(UNK)(UNK)(UNK) U
#
loop_
_chem_comp.id
_chem_comp.type
_chem_comp.name
_chem_comp.formula
SO4 non-polymer 'SULFATE ION' 'O4 S -2'
#
# COMPACT_ATOMS: atom_id res chain seq x y z
N GLU A 9 12.18 12.88 -8.59
CA GLU A 9 10.96 12.33 -9.17
C GLU A 9 10.75 10.83 -8.88
N LYS A 10 11.73 10.20 -8.19
CA LYS A 10 11.72 8.77 -7.85
C LYS A 10 10.57 8.38 -6.89
N VAL A 11 10.61 8.78 -5.62
CA VAL A 11 9.55 8.43 -4.67
C VAL A 11 8.63 9.65 -4.39
N LYS A 12 7.54 9.76 -5.17
CA LYS A 12 6.56 10.83 -5.06
C LYS A 12 5.82 10.75 -3.73
N VAL A 13 5.67 11.89 -3.05
CA VAL A 13 4.97 11.96 -1.77
C VAL A 13 3.68 12.77 -1.91
N TYR A 14 2.53 12.14 -1.66
CA TYR A 14 1.23 12.79 -1.73
C TYR A 14 0.73 13.06 -0.32
N LEU A 15 0.33 14.30 -0.03
CA LEU A 15 -0.20 14.68 1.26
C LEU A 15 -1.72 14.83 1.19
N ARG A 16 -2.44 14.15 2.08
CA ARG A 16 -3.88 14.24 2.14
C ARG A 16 -4.26 14.74 3.53
N ILE A 17 -4.90 15.91 3.59
CA ILE A 17 -5.31 16.51 4.86
C ILE A 17 -6.80 16.27 5.08
N ARG A 18 -7.11 15.55 6.15
CA ARG A 18 -8.44 15.15 6.62
C ARG A 18 -9.31 16.39 6.94
N PRO A 19 -10.63 16.41 6.61
CA PRO A 19 -11.45 17.59 6.97
C PRO A 19 -11.70 17.72 8.47
N PHE A 20 -12.04 18.94 8.93
CA PHE A 20 -12.32 19.22 10.33
C PHE A 20 -13.70 18.74 10.74
N LEU A 21 -13.79 18.12 11.94
CA LEU A 21 -15.07 17.68 12.50
C LEU A 21 -15.75 18.88 13.15
N THR A 22 -17.11 18.92 13.13
CA THR A 22 -17.87 20.00 13.77
C THR A 22 -17.60 20.05 15.28
N SER A 23 -17.34 18.87 15.90
CA SER A 23 -17.01 18.68 17.31
C SER A 23 -15.62 19.27 17.63
N GLU A 24 -14.60 18.90 16.82
CA GLU A 24 -13.21 19.37 16.94
C GLU A 24 -13.09 20.87 16.66
N LEU A 25 -13.91 21.38 15.72
CA LEU A 25 -13.95 22.80 15.36
C LEU A 25 -14.46 23.67 16.54
N ASP A 26 -15.29 23.07 17.42
CA ASP A 26 -15.85 23.69 18.62
C ASP A 26 -14.87 23.67 19.79
N ARG A 27 -13.99 22.63 19.85
CA ARG A 27 -12.97 22.44 20.89
C ARG A 27 -11.72 23.32 20.65
N GLN A 28 -11.83 24.33 19.75
CA GLN A 28 -10.80 25.30 19.36
C GLN A 28 -9.55 24.62 18.74
N GLU A 29 -9.77 23.52 17.98
CA GLU A 29 -8.70 22.77 17.33
C GLU A 29 -8.19 23.43 16.05
N ASP A 30 -9.00 24.34 15.44
CA ASP A 30 -8.60 25.07 14.25
C ASP A 30 -7.91 26.36 14.66
N GLN A 31 -6.57 26.37 14.60
CA GLN A 31 -5.74 27.52 14.98
C GLN A 31 -4.74 27.93 13.86
N GLY A 32 -4.94 27.38 12.66
CA GLY A 32 -4.12 27.63 11.49
C GLY A 32 -2.78 26.91 11.50
N CYS A 33 -2.73 25.75 12.19
CA CYS A 33 -1.55 24.91 12.33
C CYS A 33 -1.18 24.23 11.02
N VAL A 34 -2.18 23.75 10.28
CA VAL A 34 -2.01 23.09 8.99
C VAL A 34 -2.55 24.02 7.90
N CYS A 35 -1.66 24.48 7.02
CA CYS A 35 -2.01 25.38 5.92
C CYS A 35 -1.37 24.98 4.61
N ILE A 36 -2.14 25.05 3.51
CA ILE A 36 -1.70 24.73 2.15
C ILE A 36 -1.38 26.06 1.43
N GLU A 37 -0.08 26.39 1.33
CA GLU A 37 0.39 27.60 0.65
C GLU A 37 0.17 27.46 -0.87
N ASN A 38 0.47 26.28 -1.42
CA ASN A 38 0.32 25.91 -2.83
C ASN A 38 0.23 24.38 -2.94
N THR A 39 -0.03 23.85 -4.17
CA THR A 39 -0.18 22.40 -4.43
C THR A 39 1.02 21.55 -4.00
N GLU A 40 2.17 22.18 -3.68
CA GLU A 40 3.39 21.48 -3.26
C GLU A 40 3.94 21.90 -1.89
N THR A 41 3.42 22.99 -1.29
CA THR A 41 3.93 23.52 -0.02
C THR A 41 2.93 23.48 1.12
N LEU A 42 3.31 22.81 2.21
CA LEU A 42 2.57 22.74 3.45
C LEU A 42 3.27 23.66 4.45
N VAL A 43 2.51 24.55 5.11
CA VAL A 43 3.04 25.48 6.11
C VAL A 43 2.49 25.07 7.47
N LEU A 44 3.39 24.59 8.35
CA LEU A 44 3.06 24.17 9.71
C LEU A 44 3.40 25.26 10.73
N GLN A 45 2.44 25.59 11.60
CA GLN A 45 2.59 26.61 12.64
C GLN A 45 2.19 26.08 14.00
N ALA A 46 2.93 26.48 15.05
CA ALA A 46 2.62 26.08 16.43
C ALA A 46 1.28 26.70 16.85
N PRO A 47 0.42 25.99 17.63
CA PRO A 47 -0.88 26.58 18.02
C PRO A 47 -0.82 27.97 18.67
N LYS A 48 -1.79 28.84 18.31
CA LYS A 48 -1.93 30.22 18.81
C LYS A 48 -2.17 30.21 20.32
N ASP A 49 -3.23 29.49 20.75
CA ASP A 49 -3.58 29.28 22.16
C ASP A 49 -3.16 27.84 22.49
N SER A 50 -2.00 27.70 23.14
CA SER A 50 -1.39 26.44 23.53
C SER A 50 -2.25 25.61 24.48
N PHE A 51 -2.46 24.32 24.15
CA PHE A 51 -3.22 23.38 24.97
C PHE A 51 -2.44 22.98 26.22
N ALA A 52 -1.12 23.23 26.21
CA ALA A 52 -0.21 23.02 27.32
C ALA A 52 0.12 24.40 27.95
N LEU A 53 0.51 24.44 29.23
CA LEU A 53 0.83 25.72 29.89
C LEU A 53 2.15 26.30 29.39
N LYS A 54 2.07 27.29 28.47
CA LYS A 54 3.24 27.95 27.88
C LYS A 54 3.07 29.46 27.69
N SER A 55 4.21 30.21 27.73
CA SER A 55 4.40 31.65 27.50
C SER A 55 3.26 32.56 27.97
N ALA A 63 6.64 28.22 16.24
CA ALA A 63 7.62 27.96 15.19
C ALA A 63 6.93 27.67 13.86
N THR A 64 7.41 28.30 12.76
CA THR A 64 6.84 28.13 11.41
C THR A 64 7.79 27.32 10.52
N HIS A 65 7.27 26.20 9.99
CA HIS A 65 7.99 25.27 9.09
C HIS A 65 7.29 25.16 7.74
N LYS A 66 8.09 25.11 6.65
CA LYS A 66 7.59 24.93 5.28
C LYS A 66 8.07 23.56 4.77
N PHE A 67 7.15 22.76 4.21
CA PHE A 67 7.47 21.42 3.71
C PHE A 67 7.02 21.22 2.28
N THR A 68 7.85 20.55 1.49
CA THR A 68 7.60 20.27 0.08
C THR A 68 7.13 18.82 -0.11
N PHE A 69 6.02 18.66 -0.83
CA PHE A 69 5.38 17.39 -1.19
C PHE A 69 5.12 17.41 -2.70
N SER A 70 4.90 16.22 -3.32
CA SER A 70 4.66 16.13 -4.77
C SER A 70 3.35 16.81 -5.14
N GLN A 71 2.31 16.57 -4.32
CA GLN A 71 0.99 17.16 -4.42
C GLN A 71 0.27 17.09 -3.09
N ILE A 72 -0.46 18.16 -2.77
CA ILE A 72 -1.24 18.28 -1.55
C ILE A 72 -2.72 18.33 -1.93
N PHE A 73 -3.49 17.40 -1.34
CA PHE A 73 -4.91 17.25 -1.56
C PHE A 73 -5.58 17.65 -0.27
N GLY A 74 -6.29 18.76 -0.34
CA GLY A 74 -6.97 19.36 0.79
C GLY A 74 -8.16 18.60 1.31
N PRO A 75 -8.82 19.15 2.37
CA PRO A 75 -9.98 18.47 2.96
C PRO A 75 -11.17 18.26 2.04
N GLU A 76 -11.37 19.15 1.06
CA GLU A 76 -12.47 19.09 0.09
C GLU A 76 -12.36 17.95 -0.93
N VAL A 77 -11.15 17.39 -1.10
CA VAL A 77 -10.85 16.30 -2.05
C VAL A 77 -11.48 14.96 -1.58
N GLY A 78 -12.47 14.50 -2.34
CA GLY A 78 -13.17 13.25 -2.07
C GLY A 78 -12.40 12.00 -2.46
N GLN A 79 -12.96 10.84 -2.13
CA GLN A 79 -12.40 9.50 -2.36
C GLN A 79 -12.13 9.16 -3.84
N VAL A 80 -13.08 9.44 -4.73
CA VAL A 80 -12.95 9.15 -6.17
C VAL A 80 -11.93 10.09 -6.80
N ALA A 81 -12.00 11.39 -6.45
CA ALA A 81 -11.09 12.44 -6.93
C ALA A 81 -9.65 12.15 -6.49
N PHE A 82 -9.46 11.73 -5.21
CA PHE A 82 -8.15 11.37 -4.69
C PHE A 82 -7.57 10.17 -5.43
N PHE A 83 -8.39 9.11 -5.64
CA PHE A 83 -8.01 7.90 -6.37
C PHE A 83 -7.59 8.23 -7.81
N ASN A 84 -8.38 9.06 -8.52
CA ASN A 84 -8.09 9.43 -9.91
C ASN A 84 -6.84 10.26 -10.08
N LEU A 85 -6.54 11.12 -9.09
CA LEU A 85 -5.38 12.02 -9.11
C LEU A 85 -4.07 11.37 -8.63
N THR A 86 -4.14 10.19 -7.98
CA THR A 86 -2.92 9.52 -7.50
C THR A 86 -2.79 8.08 -7.95
N MET A 87 -3.71 7.21 -7.52
CA MET A 87 -3.68 5.77 -7.70
C MET A 87 -4.09 5.23 -9.07
N LYS A 88 -5.09 5.82 -9.74
CA LYS A 88 -5.60 5.29 -11.03
C LYS A 88 -4.48 4.98 -12.06
N GLU A 89 -3.49 5.88 -12.21
CA GLU A 89 -2.37 5.71 -13.15
C GLU A 89 -1.47 4.53 -12.75
N MET A 90 -1.18 4.39 -11.44
CA MET A 90 -0.36 3.31 -10.89
C MET A 90 -1.00 1.94 -11.06
N VAL A 91 -2.34 1.82 -10.87
CA VAL A 91 -3.10 0.58 -11.07
C VAL A 91 -3.09 0.22 -12.57
N LYS A 92 -3.20 1.24 -13.45
CA LYS A 92 -3.14 1.13 -14.90
C LYS A 92 -1.72 0.65 -15.30
N ASP A 93 -0.67 1.17 -14.65
CA ASP A 93 0.72 0.78 -14.88
C ASP A 93 0.92 -0.71 -14.56
N VAL A 94 0.36 -1.16 -13.41
CA VAL A 94 0.41 -2.55 -12.96
C VAL A 94 -0.31 -3.47 -13.97
N LEU A 95 -1.51 -3.05 -14.45
CA LEU A 95 -2.25 -3.83 -15.44
C LEU A 95 -1.51 -3.95 -16.78
N LYS A 96 -0.57 -3.01 -17.04
CA LYS A 96 0.27 -2.97 -18.25
C LYS A 96 1.58 -3.78 -18.08
N GLY A 97 1.95 -4.09 -16.83
CA GLY A 97 3.13 -4.91 -16.54
C GLY A 97 4.14 -4.43 -15.52
N GLN A 98 4.02 -3.17 -15.04
CA GLN A 98 4.93 -2.57 -14.07
CA GLN A 98 4.93 -2.58 -14.07
C GLN A 98 4.58 -2.93 -12.60
N ASN A 99 5.54 -2.74 -11.68
CA ASN A 99 5.42 -3.02 -10.24
C ASN A 99 5.34 -1.73 -9.44
N TRP A 100 4.27 -1.57 -8.65
CA TRP A 100 4.07 -0.39 -7.83
C TRP A 100 3.92 -0.72 -6.35
N LEU A 101 4.57 0.10 -5.51
CA LEU A 101 4.54 0.00 -4.05
C LEU A 101 4.10 1.33 -3.49
N ILE A 102 3.01 1.32 -2.71
CA ILE A 102 2.42 2.51 -2.12
C ILE A 102 2.50 2.44 -0.58
N TYR A 103 3.37 3.27 0.01
CA TYR A 103 3.52 3.38 1.45
C TYR A 103 2.44 4.34 1.94
N THR A 104 1.80 4.03 3.07
CA THR A 104 0.80 4.92 3.67
C THR A 104 1.21 5.26 5.08
N TYR A 105 1.05 6.55 5.46
CA TYR A 105 1.46 7.04 6.78
C TYR A 105 0.37 7.84 7.48
N GLY A 106 0.27 7.64 8.80
CA GLY A 106 -0.70 8.29 9.69
C GLY A 106 -0.65 7.73 11.10
N VAL A 107 -0.79 8.59 12.12
CA VAL A 107 -0.71 8.12 13.51
C VAL A 107 -2.10 8.24 14.23
N THR A 108 -2.51 9.44 14.73
CA THR A 108 -3.77 9.61 15.47
C THR A 108 -4.82 10.40 14.67
N ASN A 109 -5.96 9.74 14.36
CA ASN A 109 -7.11 10.28 13.61
C ASN A 109 -6.69 11.07 12.35
N SER A 110 -5.70 10.55 11.62
CA SER A 110 -5.12 11.15 10.41
C SER A 110 -6.01 11.02 9.17
N GLY A 111 -6.80 9.96 9.12
CA GLY A 111 -7.66 9.64 7.98
C GLY A 111 -7.06 8.55 7.12
N LYS A 112 -6.02 7.87 7.66
CA LYS A 112 -5.25 6.78 7.07
C LYS A 112 -6.16 5.61 6.63
N THR A 113 -7.04 5.13 7.52
CA THR A 113 -7.94 4.01 7.22
C THR A 113 -9.08 4.41 6.27
N TYR A 114 -9.55 5.69 6.36
CA TYR A 114 -10.59 6.22 5.47
C TYR A 114 -10.04 6.30 4.04
N THR A 115 -8.74 6.66 3.92
CA THR A 115 -8.02 6.75 2.65
C THR A 115 -7.71 5.34 2.12
N ILE A 116 -7.29 4.40 2.99
CA ILE A 116 -6.91 3.04 2.61
C ILE A 116 -8.13 2.16 2.27
N GLN A 117 -9.13 2.07 3.17
CA GLN A 117 -10.31 1.22 2.98
C GLN A 117 -11.62 1.98 2.90
N GLY A 118 -11.81 2.95 3.79
CA GLY A 118 -13.01 3.78 3.83
C GLY A 118 -14.29 3.06 4.24
N THR A 119 -15.44 3.72 3.99
CA THR A 119 -16.77 3.22 4.31
C THR A 119 -17.29 2.28 3.19
N SER A 120 -18.57 1.90 3.26
CA SER A 120 -19.23 1.04 2.28
C SER A 120 -19.50 1.85 1.00
N LYS A 121 -19.92 3.13 1.17
CA LYS A 121 -20.17 4.05 0.06
C LYS A 121 -18.84 4.71 -0.37
N ASP A 122 -18.20 5.46 0.56
CA ASP A 122 -16.92 6.13 0.33
C ASP A 122 -15.77 5.13 0.43
N ALA A 123 -15.62 4.28 -0.61
CA ALA A 123 -14.58 3.26 -0.67
C ALA A 123 -13.21 3.90 -0.87
N GLY A 124 -12.22 3.42 -0.10
CA GLY A 124 -10.84 3.87 -0.11
C GLY A 124 -10.05 3.48 -1.34
N ILE A 125 -8.73 3.71 -1.32
CA ILE A 125 -7.84 3.43 -2.45
C ILE A 125 -7.68 1.94 -2.70
N LEU A 126 -7.65 1.11 -1.64
CA LEU A 126 -7.54 -0.35 -1.79
C LEU A 126 -8.79 -0.99 -2.45
N PRO A 127 -10.05 -0.78 -1.97
CA PRO A 127 -11.21 -1.37 -2.69
C PRO A 127 -11.37 -0.87 -4.13
N GLN A 128 -11.13 0.44 -4.38
CA GLN A 128 -11.21 1.08 -5.70
C GLN A 128 -10.21 0.48 -6.69
N SER A 129 -8.99 0.12 -6.21
CA SER A 129 -7.93 -0.50 -7.01
C SER A 129 -8.36 -1.90 -7.44
N LEU A 130 -8.89 -2.70 -6.47
CA LEU A 130 -9.38 -4.06 -6.68
C LEU A 130 -10.55 -4.05 -7.67
N ALA A 131 -11.49 -3.10 -7.50
CA ALA A 131 -12.63 -2.91 -8.40
C ALA A 131 -12.14 -2.63 -9.84
N LEU A 132 -11.21 -1.65 -10.01
CA LEU A 132 -10.60 -1.27 -11.30
C LEU A 132 -9.90 -2.45 -11.98
N ILE A 133 -9.09 -3.22 -11.22
CA ILE A 133 -8.38 -4.41 -11.70
C ILE A 133 -9.38 -5.41 -12.30
N PHE A 134 -10.41 -5.84 -11.52
CA PHE A 134 -11.39 -6.82 -11.97
C PHE A 134 -12.35 -6.32 -13.05
N ASN A 135 -12.57 -5.00 -13.13
CA ASN A 135 -13.41 -4.40 -14.19
C ASN A 135 -12.65 -4.45 -15.52
N SER A 136 -11.34 -4.19 -15.46
CA SER A 136 -10.44 -4.18 -16.61
C SER A 136 -10.14 -5.58 -17.13
N LEU A 137 -9.95 -6.55 -16.22
CA LEU A 137 -9.61 -7.94 -16.53
C LEU A 137 -10.82 -8.84 -16.81
N GLN A 138 -12.03 -8.28 -16.67
CA GLN A 138 -13.34 -8.92 -16.88
C GLN A 138 -13.40 -9.63 -18.24
N GLY A 139 -13.74 -10.91 -18.22
CA GLY A 139 -13.85 -11.72 -19.43
C GLY A 139 -12.53 -12.19 -20.01
N GLN A 140 -11.41 -11.88 -19.33
CA GLN A 140 -10.05 -12.25 -19.76
C GLN A 140 -9.29 -12.96 -18.64
N LEU A 141 -10.01 -13.60 -17.71
CA LEU A 141 -9.40 -14.30 -16.60
C LEU A 141 -9.18 -15.78 -16.90
N HIS A 142 -7.99 -16.29 -16.55
CA HIS A 142 -7.60 -17.69 -16.68
C HIS A 142 -8.33 -18.40 -15.53
N PRO A 143 -9.29 -19.31 -15.83
CA PRO A 143 -10.11 -19.90 -14.75
C PRO A 143 -9.37 -20.75 -13.71
N THR A 144 -8.54 -21.70 -14.16
CA THR A 144 -7.81 -22.63 -13.31
C THR A 144 -6.65 -21.96 -12.59
N PRO A 145 -6.53 -22.08 -11.24
CA PRO A 145 -5.36 -21.50 -10.55
C PRO A 145 -4.14 -22.42 -10.70
N ASP A 146 -3.76 -22.68 -11.97
CA ASP A 146 -2.69 -23.52 -12.50
C ASP A 146 -1.32 -23.03 -12.09
N LEU A 147 -1.07 -21.72 -12.30
CA LEU A 147 0.24 -21.11 -12.06
C LEU A 147 0.21 -20.09 -10.95
N LYS A 148 1.08 -20.29 -9.95
CA LYS A 148 1.17 -19.43 -8.78
C LYS A 148 2.38 -18.50 -8.89
N PRO A 149 2.19 -17.15 -8.80
CA PRO A 149 3.35 -16.26 -8.84
C PRO A 149 3.98 -16.18 -7.45
N LEU A 150 4.65 -17.27 -7.06
CA LEU A 150 5.32 -17.41 -5.77
C LEU A 150 6.39 -16.32 -5.58
N LEU A 151 7.06 -15.94 -6.69
CA LEU A 151 8.06 -14.88 -6.74
C LEU A 151 7.60 -13.80 -7.71
N SER A 152 8.19 -12.60 -7.62
CA SER A 152 7.87 -11.46 -8.47
C SER A 152 8.24 -11.70 -9.95
N ASN A 153 9.16 -12.66 -10.18
CA ASN A 153 9.69 -13.01 -11.50
C ASN A 153 9.51 -14.49 -11.86
N GLU A 154 8.96 -15.31 -10.94
CA GLU A 154 8.81 -16.75 -11.20
C GLU A 154 7.44 -17.31 -10.86
N VAL A 155 7.01 -18.32 -11.63
CA VAL A 155 5.75 -19.05 -11.45
C VAL A 155 5.97 -20.53 -11.24
N ILE A 156 5.19 -21.14 -10.35
CA ILE A 156 5.21 -22.57 -10.07
C ILE A 156 3.93 -23.21 -10.61
N TRP A 157 4.05 -24.42 -11.17
CA TRP A 157 2.87 -25.13 -11.67
C TRP A 157 2.26 -25.96 -10.53
N LEU A 158 0.94 -25.87 -10.39
CA LEU A 158 0.21 -26.61 -9.35
C LEU A 158 -0.57 -27.78 -9.92
N ASP A 159 -0.37 -28.99 -9.33
CA ASP A 159 -1.09 -30.19 -9.72
C ASP A 159 -2.48 -30.22 -9.06
N SER A 160 -3.30 -31.23 -9.38
CA SER A 160 -4.65 -31.39 -8.82
C SER A 160 -4.67 -31.38 -7.29
N LYS A 161 -3.76 -32.14 -6.64
CA LYS A 161 -3.63 -32.22 -5.18
C LYS A 161 -3.33 -30.86 -4.56
N GLN A 162 -2.41 -30.08 -5.17
CA GLN A 162 -2.01 -28.73 -4.74
C GLN A 162 -3.11 -27.69 -4.92
N ILE A 163 -3.88 -27.78 -6.04
CA ILE A 163 -5.01 -26.89 -6.36
C ILE A 163 -6.14 -27.12 -5.33
N ARG A 164 -6.47 -28.40 -5.07
CA ARG A 164 -7.48 -28.85 -4.11
C ARG A 164 -7.13 -28.32 -2.71
N GLN A 165 -5.83 -28.43 -2.33
CA GLN A 165 -5.33 -27.98 -1.05
C GLN A 165 -5.36 -26.45 -0.92
N GLU A 166 -5.04 -25.71 -2.01
CA GLU A 166 -5.07 -24.25 -2.02
C GLU A 166 -6.52 -23.74 -1.95
N GLU A 167 -7.48 -24.48 -2.58
CA GLU A 167 -8.94 -24.19 -2.57
C GLU A 167 -9.52 -24.29 -1.16
N MET A 168 -9.09 -25.31 -0.39
CA MET A 168 -9.53 -25.55 0.99
C MET A 168 -9.06 -24.44 1.93
N LYS A 169 -7.80 -23.98 1.77
CA LYS A 169 -7.22 -22.88 2.56
C LYS A 169 -8.01 -21.61 2.28
N LYS A 170 -8.32 -21.36 0.99
CA LYS A 170 -9.10 -20.21 0.52
C LYS A 170 -10.51 -20.26 1.13
N LEU A 171 -11.16 -21.43 1.06
CA LEU A 171 -12.52 -21.68 1.57
C LEU A 171 -12.62 -21.48 3.07
N SER A 172 -11.59 -21.94 3.83
CA SER A 172 -11.52 -21.80 5.29
C SER A 172 -11.48 -20.33 5.71
N LEU A 173 -10.81 -19.49 4.88
CA LEU A 173 -10.65 -18.05 5.09
C LEU A 173 -11.94 -17.29 4.79
N LEU A 174 -12.58 -17.59 3.64
CA LEU A 174 -13.81 -16.95 3.17
C LEU A 174 -15.00 -17.15 4.12
N ILE A 175 -15.04 -18.28 4.86
CA ILE A 175 -16.10 -18.61 5.82
C ILE A 175 -15.72 -18.23 7.26
N GLY A 176 -14.57 -17.56 7.41
CA GLY A 176 -14.01 -17.11 8.68
C GLY A 176 -13.87 -18.19 9.75
N GLY A 177 -13.47 -19.40 9.33
CA GLY A 177 -13.31 -20.55 10.21
C GLY A 177 -14.59 -20.98 10.89
N LEU A 178 -14.47 -21.77 11.98
CA LEU A 178 -15.60 -22.26 12.78
C LEU A 178 -15.24 -22.31 14.26
N ASP A 233 -19.61 3.24 -10.20
CA ASP A 233 -18.92 2.27 -11.04
C ASP A 233 -17.66 2.85 -11.70
N THR A 234 -16.51 2.21 -11.46
CA THR A 234 -15.23 2.63 -12.06
C THR A 234 -15.21 2.26 -13.55
N VAL A 235 -14.78 3.21 -14.41
CA VAL A 235 -14.64 2.95 -15.84
C VAL A 235 -13.33 2.15 -15.98
N PRO A 236 -13.36 0.94 -16.60
CA PRO A 236 -12.12 0.14 -16.70
C PRO A 236 -10.99 0.76 -17.51
N VAL A 237 -9.82 0.12 -17.42
CA VAL A 237 -8.60 0.49 -18.12
C VAL A 237 -8.44 -0.49 -19.28
N SER A 238 -7.81 -0.07 -20.38
CA SER A 238 -7.60 -0.92 -21.55
C SER A 238 -6.50 -1.98 -21.30
N VAL A 239 -6.73 -3.22 -21.77
CA VAL A 239 -5.81 -4.36 -21.70
C VAL A 239 -5.83 -5.14 -23.04
N PRO A 240 -4.67 -5.63 -23.58
CA PRO A 240 -4.69 -6.36 -24.86
C PRO A 240 -5.59 -7.60 -24.82
N ALA A 241 -6.42 -7.79 -25.86
CA ALA A 241 -7.38 -8.89 -25.96
C ALA A 241 -6.77 -10.29 -25.95
N ASP A 242 -5.53 -10.44 -26.45
CA ASP A 242 -4.81 -11.71 -26.56
C ASP A 242 -4.19 -12.23 -25.22
N ILE A 243 -4.34 -11.49 -24.11
CA ILE A 243 -3.78 -11.88 -22.80
C ILE A 243 -4.84 -12.46 -21.88
N ARG A 244 -4.45 -13.48 -21.07
CA ARG A 244 -5.29 -14.10 -20.05
C ARG A 244 -4.66 -13.83 -18.68
N PHE A 245 -5.49 -13.56 -17.67
CA PHE A 245 -5.02 -13.13 -16.35
C PHE A 245 -5.39 -13.99 -15.16
N SER A 246 -4.48 -14.05 -14.19
CA SER A 246 -4.66 -14.76 -12.93
C SER A 246 -4.28 -13.76 -11.81
N VAL A 247 -5.23 -13.46 -10.91
CA VAL A 247 -5.02 -12.52 -9.81
C VAL A 247 -4.81 -13.28 -8.49
N TRP A 248 -3.69 -12.98 -7.81
CA TRP A 248 -3.28 -13.60 -6.56
C TRP A 248 -3.03 -12.54 -5.51
N ILE A 249 -3.33 -12.84 -4.25
CA ILE A 249 -3.23 -11.90 -3.15
C ILE A 249 -2.51 -12.51 -1.93
N SER A 250 -1.69 -11.71 -1.27
CA SER A 250 -1.00 -12.06 -0.03
C SER A 250 -1.20 -10.91 0.94
N PHE A 251 -1.22 -11.22 2.25
CA PHE A 251 -1.40 -10.23 3.29
C PHE A 251 -0.65 -10.65 4.56
N PHE A 252 0.38 -9.88 4.93
CA PHE A 252 1.18 -10.17 6.12
C PHE A 252 1.47 -8.89 6.92
N GLU A 253 1.88 -9.08 8.17
CA GLU A 253 2.14 -8.04 9.16
C GLU A 253 3.55 -8.16 9.67
N ILE A 254 4.20 -7.00 9.95
CA ILE A 254 5.54 -6.98 10.53
C ILE A 254 5.42 -6.38 11.92
N TYR A 255 5.47 -7.25 12.94
CA TYR A 255 5.35 -6.85 14.33
C TYR A 255 6.63 -7.13 15.12
N ASN A 256 7.33 -6.05 15.51
CA ASN A 256 8.59 -6.07 16.25
C ASN A 256 9.65 -6.96 15.57
N GLU A 257 9.97 -6.64 14.30
CA GLU A 257 10.95 -7.32 13.43
C GLU A 257 10.52 -8.76 13.01
N LEU A 258 9.36 -9.24 13.50
CA LEU A 258 8.83 -10.58 13.20
C LEU A 258 7.67 -10.50 12.20
N LEU A 259 7.65 -11.44 11.23
CA LEU A 259 6.64 -11.49 10.15
C LEU A 259 5.53 -12.48 10.49
N TYR A 260 4.26 -12.08 10.29
CA TYR A 260 3.07 -12.90 10.59
C TYR A 260 2.08 -12.85 9.42
N ASP A 261 1.65 -14.02 8.94
CA ASP A 261 0.68 -14.14 7.86
C ASP A 261 -0.73 -13.77 8.37
N LEU A 262 -1.45 -12.92 7.63
CA LEU A 262 -2.81 -12.50 8.01
C LEU A 262 -3.89 -13.33 7.33
N LEU A 263 -3.51 -14.05 6.26
CA LEU A 263 -4.42 -14.94 5.52
C LEU A 263 -4.19 -16.38 5.99
N GLU A 264 -4.33 -16.58 7.30
CA GLU A 264 -4.17 -17.86 7.97
C GLU A 264 -5.36 -18.03 8.92
N PRO A 265 -6.22 -19.05 8.75
CA PRO A 265 -7.38 -19.19 9.66
C PRO A 265 -7.02 -19.14 11.15
N PRO A 266 -7.67 -18.23 11.92
CA PRO A 266 -7.32 -18.12 13.36
C PRO A 266 -7.85 -19.26 14.21
N GLN A 273 2.74 -18.18 15.13
CA GLN A 273 3.64 -18.72 14.10
C GLN A 273 4.17 -17.61 13.18
N THR A 274 5.51 -17.50 13.08
CA THR A 274 6.20 -16.49 12.25
C THR A 274 6.63 -17.05 10.89
N LEU A 275 6.90 -16.13 9.94
CA LEU A 275 7.38 -16.42 8.59
C LEU A 275 8.86 -16.05 8.46
N ARG A 276 9.61 -16.77 7.63
CA ARG A 276 11.02 -16.51 7.40
C ARG A 276 11.27 -15.82 6.08
N LEU A 277 12.25 -14.91 6.06
CA LEU A 277 12.69 -14.18 4.88
C LEU A 277 13.89 -14.94 4.30
N CYS A 278 13.75 -15.44 3.07
CA CYS A 278 14.77 -16.25 2.39
C CYS A 278 15.25 -15.65 1.08
N GLU A 279 16.48 -16.02 0.66
CA GLU A 279 17.10 -15.57 -0.57
C GLU A 279 16.73 -16.49 -1.74
N ASP A 280 16.47 -15.91 -2.93
CA ASP A 280 16.10 -16.60 -4.17
C ASP A 280 17.24 -17.44 -4.75
N GLN A 281 16.96 -18.13 -5.87
CA GLN A 281 17.93 -18.90 -6.65
C GLN A 281 18.82 -17.95 -7.47
N ASN A 282 18.41 -16.65 -7.52
CA ASN A 282 19.10 -15.54 -8.19
C ASN A 282 19.54 -14.42 -7.21
N GLY A 283 19.32 -14.64 -5.91
CA GLY A 283 19.72 -13.73 -4.83
C GLY A 283 18.70 -12.71 -4.34
N ASN A 284 17.44 -12.82 -4.79
CA ASN A 284 16.36 -11.90 -4.39
C ASN A 284 15.58 -12.39 -3.17
N PRO A 285 15.45 -11.58 -2.09
CA PRO A 285 14.69 -12.05 -0.91
C PRO A 285 13.20 -12.21 -1.16
N TYR A 286 12.58 -13.12 -0.41
CA TYR A 286 11.14 -13.43 -0.46
C TYR A 286 10.68 -13.99 0.89
N VAL A 287 9.37 -13.88 1.18
CA VAL A 287 8.79 -14.40 2.41
C VAL A 287 8.38 -15.88 2.18
N LYS A 288 9.14 -16.82 2.79
CA LYS A 288 8.93 -18.27 2.69
C LYS A 288 7.61 -18.70 3.31
N ASP A 289 6.88 -19.60 2.62
CA ASP A 289 5.59 -20.20 3.00
C ASP A 289 4.45 -19.17 3.19
N LEU A 290 4.60 -17.95 2.63
CA LEU A 290 3.56 -16.92 2.69
C LEU A 290 2.41 -17.32 1.76
N ASN A 291 1.18 -17.24 2.27
CA ASN A 291 -0.03 -17.60 1.52
C ASN A 291 -0.39 -16.63 0.41
N TRP A 292 -0.41 -17.15 -0.82
CA TRP A 292 -0.86 -16.44 -2.01
C TRP A 292 -2.19 -17.12 -2.35
N ILE A 293 -3.26 -16.36 -2.22
CA ILE A 293 -4.63 -16.84 -2.46
C ILE A 293 -5.11 -16.33 -3.80
N HIS A 294 -5.52 -17.26 -4.69
CA HIS A 294 -6.05 -16.94 -6.02
C HIS A 294 -7.42 -16.32 -5.86
N VAL A 295 -7.63 -15.13 -6.43
CA VAL A 295 -8.90 -14.41 -6.33
C VAL A 295 -9.59 -14.32 -7.67
N ARG A 296 -10.85 -14.75 -7.72
CA ARG A 296 -11.67 -14.81 -8.93
C ARG A 296 -12.44 -13.52 -9.23
N ASP A 297 -12.76 -12.75 -8.17
CA ASP A 297 -13.49 -11.50 -8.27
C ASP A 297 -13.19 -10.55 -7.11
N VAL A 298 -13.75 -9.34 -7.19
CA VAL A 298 -13.55 -8.26 -6.21
C VAL A 298 -14.15 -8.64 -4.82
N GLU A 299 -15.24 -9.42 -4.80
CA GLU A 299 -15.90 -9.86 -3.57
C GLU A 299 -15.03 -10.77 -2.71
N GLU A 300 -14.26 -11.67 -3.38
CA GLU A 300 -13.33 -12.60 -2.74
C GLU A 300 -12.13 -11.82 -2.18
N ALA A 301 -11.58 -10.87 -2.97
CA ALA A 301 -10.46 -10.01 -2.58
C ALA A 301 -10.83 -9.18 -1.36
N TRP A 302 -12.02 -8.52 -1.40
CA TRP A 302 -12.58 -7.69 -0.33
C TRP A 302 -12.76 -8.50 0.97
N LYS A 303 -13.31 -9.74 0.86
CA LYS A 303 -13.51 -10.62 2.01
C LYS A 303 -12.17 -11.00 2.67
N LEU A 304 -11.13 -11.23 1.87
CA LEU A 304 -9.80 -11.59 2.36
C LEU A 304 -9.09 -10.45 3.08
N LEU A 305 -9.38 -9.21 2.68
CA LEU A 305 -8.85 -8.02 3.32
C LEU A 305 -9.52 -7.87 4.69
N LYS A 306 -10.85 -8.12 4.77
CA LYS A 306 -11.67 -8.06 5.99
C LYS A 306 -11.24 -9.12 6.99
N VAL A 307 -11.02 -10.36 6.50
CA VAL A 307 -10.55 -11.52 7.28
C VAL A 307 -9.11 -11.27 7.76
N GLY A 308 -8.30 -10.64 6.90
CA GLY A 308 -6.93 -10.26 7.19
C GLY A 308 -6.83 -9.24 8.31
N ARG A 309 -7.68 -8.19 8.26
CA ARG A 309 -7.75 -7.14 9.28
C ARG A 309 -8.29 -7.66 10.60
N LYS A 310 -9.21 -8.65 10.54
CA LYS A 310 -9.81 -9.33 11.70
C LYS A 310 -8.74 -10.09 12.47
N ASN A 311 -7.82 -10.76 11.73
CA ASN A 311 -6.68 -11.51 12.29
C ASN A 311 -5.68 -10.55 12.94
N GLN A 312 -5.49 -9.37 12.32
CA GLN A 312 -4.62 -8.29 12.82
C GLN A 312 -5.21 -7.75 14.13
N SER A 313 -6.55 -7.57 14.17
CA SER A 313 -7.29 -7.08 15.35
C SER A 313 -7.31 -8.13 16.47
N PHE A 314 -7.23 -9.44 16.11
CA PHE A 314 -7.17 -10.55 17.06
C PHE A 314 -5.84 -10.52 17.82
N ALA A 315 -4.73 -10.21 17.10
CA ALA A 315 -3.37 -10.12 17.65
C ALA A 315 -3.14 -8.76 18.30
N SER A 326 2.67 -1.96 14.19
CA SER A 326 2.71 -2.96 13.12
C SER A 326 2.64 -2.38 11.70
N HIS A 327 3.38 -2.99 10.76
CA HIS A 327 3.40 -2.63 9.33
C HIS A 327 2.60 -3.69 8.55
N SER A 328 1.44 -3.30 7.99
CA SER A 328 0.56 -4.21 7.24
C SER A 328 0.86 -4.14 5.74
N ILE A 329 1.37 -5.25 5.18
CA ILE A 329 1.71 -5.37 3.76
C ILE A 329 0.66 -6.22 3.02
N PHE A 330 -0.11 -5.58 2.12
CA PHE A 330 -1.12 -6.22 1.28
C PHE A 330 -0.61 -6.18 -0.15
N SER A 331 -0.40 -7.36 -0.76
CA SER A 331 0.12 -7.46 -2.13
C SER A 331 -0.85 -8.12 -3.10
N ILE A 332 -0.97 -7.53 -4.29
CA ILE A 332 -1.78 -8.04 -5.40
C ILE A 332 -0.77 -8.38 -6.51
N ARG A 333 -0.73 -9.64 -6.93
CA ARG A 333 0.17 -10.08 -8.00
C ARG A 333 -0.68 -10.56 -9.17
N ILE A 334 -0.43 -9.97 -10.35
CA ILE A 334 -1.15 -10.32 -11.57
C ILE A 334 -0.26 -11.12 -12.49
N LEU A 335 -0.71 -12.31 -12.86
CA LEU A 335 0.00 -13.16 -13.81
C LEU A 335 -0.62 -12.92 -15.19
N HIS A 336 0.21 -12.50 -16.14
CA HIS A 336 -0.14 -12.18 -17.52
C HIS A 336 0.28 -13.33 -18.42
N LEU A 337 -0.69 -13.97 -19.08
CA LEU A 337 -0.44 -15.09 -19.99
C LEU A 337 -0.75 -14.66 -21.43
N GLN A 338 0.30 -14.36 -22.20
CA GLN A 338 0.18 -13.89 -23.57
C GLN A 338 0.25 -15.02 -24.58
N GLY A 339 -0.58 -14.92 -25.61
CA GLY A 339 -0.61 -15.84 -26.73
C GLY A 339 -1.47 -17.07 -26.61
N GLU A 340 -1.60 -17.79 -27.74
CA GLU A 340 -2.35 -19.03 -27.94
C GLU A 340 -1.35 -20.18 -28.12
N GLY A 341 -1.67 -21.34 -27.55
CA GLY A 341 -0.83 -22.53 -27.62
C GLY A 341 0.43 -22.37 -26.79
N ASP A 342 1.46 -21.73 -27.37
CA ASP A 342 2.72 -21.43 -26.69
C ASP A 342 2.56 -20.10 -25.97
N ILE A 343 2.56 -20.14 -24.62
CA ILE A 343 2.33 -19.01 -23.73
C ILE A 343 3.62 -18.37 -23.19
N VAL A 344 3.61 -17.04 -23.05
CA VAL A 344 4.71 -16.24 -22.51
C VAL A 344 4.22 -15.62 -21.17
N PRO A 345 4.63 -16.16 -20.00
CA PRO A 345 4.17 -15.56 -18.73
C PRO A 345 4.96 -14.33 -18.29
N LYS A 346 4.26 -13.38 -17.63
CA LYS A 346 4.81 -12.12 -17.11
C LYS A 346 4.08 -11.81 -15.79
N ILE A 347 4.83 -11.27 -14.78
CA ILE A 347 4.26 -10.94 -13.47
C ILE A 347 4.40 -9.45 -13.12
N SER A 348 3.27 -8.82 -12.74
CA SER A 348 3.23 -7.44 -12.25
C SER A 348 2.66 -7.46 -10.83
N GLU A 349 2.96 -6.43 -10.02
CA GLU A 349 2.54 -6.36 -8.62
C GLU A 349 2.10 -4.97 -8.17
N LEU A 350 1.03 -4.92 -7.35
CA LEU A 350 0.53 -3.71 -6.70
C LEU A 350 0.55 -4.03 -5.21
N SER A 351 1.53 -3.44 -4.49
CA SER A 351 1.71 -3.63 -3.04
C SER A 351 1.37 -2.36 -2.29
N LEU A 352 0.71 -2.53 -1.14
CA LEU A 352 0.36 -1.42 -0.28
C LEU A 352 0.91 -1.69 1.09
N CYS A 353 1.77 -0.78 1.57
CA CYS A 353 2.38 -0.90 2.88
C CYS A 353 1.80 0.11 3.86
N ASP A 354 1.12 -0.39 4.90
CA ASP A 354 0.52 0.43 5.95
C ASP A 354 1.50 0.57 7.12
N LEU A 355 2.33 1.63 7.08
CA LEU A 355 3.35 1.92 8.08
C LEU A 355 2.78 2.28 9.43
N ALA A 356 3.42 1.80 10.52
CA ALA A 356 3.04 2.08 11.89
C ALA A 356 3.49 3.48 12.28
N GLY A 357 2.69 4.16 13.11
CA GLY A 357 2.98 5.51 13.60
C GLY A 357 4.16 5.59 14.54
N SER A 358 4.39 6.82 15.10
CA SER A 358 5.48 7.17 16.03
C SER A 358 6.86 7.00 15.39
N THR A 378 12.81 2.99 14.14
CA THR A 378 14.05 2.39 13.65
C THR A 378 13.86 1.82 12.25
N SER A 379 12.78 1.03 12.03
CA SER A 379 12.44 0.48 10.72
C SER A 379 11.97 1.63 9.81
N LEU A 380 11.30 2.63 10.43
CA LEU A 380 10.80 3.85 9.81
C LEU A 380 12.00 4.72 9.47
N HIS A 381 13.01 4.75 10.36
CA HIS A 381 14.25 5.51 10.21
C HIS A 381 15.07 4.98 9.05
N THR A 382 15.15 3.64 8.90
CA THR A 382 15.88 2.97 7.82
C THR A 382 15.17 3.22 6.49
N LEU A 383 13.81 3.15 6.49
CA LEU A 383 13.00 3.41 5.30
C LEU A 383 13.23 4.83 4.79
N GLY A 384 13.37 5.79 5.71
CA GLY A 384 13.66 7.19 5.40
C GLY A 384 15.00 7.32 4.71
N ARG A 385 16.02 6.62 5.24
CA ARG A 385 17.38 6.57 4.69
C ARG A 385 17.40 5.88 3.33
N CYS A 386 16.56 4.84 3.16
CA CYS A 386 16.43 4.06 1.93
C CYS A 386 15.77 4.84 0.79
N ILE A 387 14.70 5.60 1.11
CA ILE A 387 13.97 6.43 0.16
C ILE A 387 14.86 7.60 -0.29
N ALA A 388 15.56 8.26 0.68
CA ALA A 388 16.48 9.37 0.43
C ALA A 388 17.60 8.96 -0.52
N ALA A 389 18.21 7.77 -0.29
CA ALA A 389 19.28 7.20 -1.11
C ALA A 389 18.77 6.80 -2.50
N LEU A 390 17.50 6.37 -2.60
CA LEU A 390 16.88 5.99 -3.86
C LEU A 390 16.64 7.24 -4.72
N ARG A 391 16.15 8.34 -4.09
CA ARG A 391 15.90 9.63 -4.75
C ARG A 391 17.21 10.32 -5.18
N GLN A 392 18.29 10.06 -4.43
CA GLN A 392 19.63 10.62 -4.63
C GLN A 392 20.26 10.19 -5.95
N ASN A 393 20.46 8.86 -6.13
CA ASN A 393 21.07 8.28 -7.33
C ASN A 393 20.12 8.23 -8.52
N LEU A 402 25.10 3.30 -2.40
CA LEU A 402 24.22 2.14 -2.30
C LEU A 402 23.16 2.33 -1.20
N ILE A 403 21.99 1.72 -1.39
CA ILE A 403 20.85 1.80 -0.46
C ILE A 403 21.02 0.81 0.71
N PRO A 404 20.89 1.27 1.99
CA PRO A 404 21.03 0.32 3.11
C PRO A 404 19.71 -0.42 3.42
N PHE A 405 19.16 -1.13 2.42
CA PHE A 405 17.90 -1.89 2.56
C PHE A 405 18.02 -3.13 3.44
N ARG A 406 19.24 -3.65 3.63
CA ARG A 406 19.47 -4.83 4.47
C ARG A 406 19.42 -4.51 5.96
N ASP A 407 19.65 -3.23 6.34
CA ASP A 407 19.63 -2.70 7.70
C ASP A 407 18.24 -2.75 8.39
N SER A 408 17.22 -3.33 7.71
CA SER A 408 15.85 -3.47 8.20
C SER A 408 15.11 -4.58 7.45
N LYS A 409 14.20 -5.27 8.15
CA LYS A 409 13.38 -6.35 7.60
C LYS A 409 12.32 -5.83 6.62
N LEU A 410 11.77 -4.62 6.88
CA LEU A 410 10.78 -3.98 6.00
C LEU A 410 11.39 -3.60 4.65
N THR A 411 12.59 -3.01 4.68
CA THR A 411 13.31 -2.61 3.48
C THR A 411 13.91 -3.81 2.75
N ARG A 412 14.17 -4.93 3.48
CA ARG A 412 14.66 -6.17 2.89
C ARG A 412 13.54 -6.85 2.10
N VAL A 413 12.30 -6.84 2.65
CA VAL A 413 11.10 -7.39 1.99
C VAL A 413 10.91 -6.68 0.63
N PHE A 414 11.00 -5.34 0.62
CA PHE A 414 10.83 -4.51 -0.58
C PHE A 414 12.14 -4.18 -1.32
N GLN A 415 13.14 -5.10 -1.27
CA GLN A 415 14.45 -4.94 -1.93
C GLN A 415 14.32 -4.60 -3.42
N GLY A 416 13.32 -5.20 -4.08
CA GLY A 416 13.02 -4.99 -5.50
C GLY A 416 12.70 -3.56 -5.85
N PHE A 417 12.05 -2.84 -4.91
CA PHE A 417 11.67 -1.45 -5.11
C PHE A 417 12.84 -0.46 -4.85
N PHE A 418 14.00 -0.97 -4.40
CA PHE A 418 15.23 -0.19 -4.15
C PHE A 418 16.34 -0.60 -5.13
N THR A 419 16.09 -1.65 -5.94
CA THR A 419 17.07 -2.19 -6.90
C THR A 419 16.62 -2.02 -8.38
N GLY A 420 15.55 -1.27 -8.61
CA GLY A 420 15.03 -1.01 -9.94
C GLY A 420 14.12 -2.07 -10.53
N ARG A 421 13.52 -2.91 -9.67
CA ARG A 421 12.57 -3.96 -10.06
C ARG A 421 11.14 -3.52 -9.67
N GLY A 422 10.90 -2.22 -9.74
CA GLY A 422 9.62 -1.61 -9.39
C GLY A 422 9.73 -0.16 -9.01
N ARG A 423 8.57 0.50 -8.87
CA ARG A 423 8.48 1.92 -8.52
C ARG A 423 7.74 2.10 -7.20
N SER A 424 8.13 3.13 -6.41
CA SER A 424 7.56 3.44 -5.10
C SER A 424 6.98 4.83 -5.04
N CYS A 425 6.04 5.04 -4.10
CA CYS A 425 5.42 6.33 -3.78
C CYS A 425 4.86 6.27 -2.35
N MET A 426 4.63 7.44 -1.72
CA MET A 426 4.12 7.51 -0.36
C MET A 426 2.91 8.43 -0.23
N ILE A 427 1.90 8.00 0.54
CA ILE A 427 0.68 8.75 0.84
C ILE A 427 0.69 9.04 2.33
N VAL A 428 0.73 10.32 2.69
CA VAL A 428 0.76 10.76 4.08
C VAL A 428 -0.59 11.40 4.42
N ASN A 429 -1.21 10.89 5.47
CA ASN A 429 -2.49 11.38 5.96
C ASN A 429 -2.24 12.26 7.16
N VAL A 430 -2.86 13.44 7.17
CA VAL A 430 -2.63 14.41 8.20
C VAL A 430 -3.94 14.86 8.87
N ASN A 431 -3.89 14.92 10.22
CA ASN A 431 -4.93 15.41 11.12
C ASN A 431 -4.73 16.95 11.17
N PRO A 432 -5.76 17.78 10.89
CA PRO A 432 -5.54 19.24 10.88
C PRO A 432 -5.57 19.92 12.27
N CYS A 433 -5.82 19.13 13.33
CA CYS A 433 -5.95 19.58 14.72
C CYS A 433 -4.69 20.17 15.33
N ALA A 434 -4.86 21.11 16.27
CA ALA A 434 -3.80 21.77 17.02
C ALA A 434 -3.20 20.86 18.08
N SER A 435 -3.99 19.89 18.60
CA SER A 435 -3.54 18.95 19.63
C SER A 435 -2.63 17.85 19.07
N THR A 436 -2.67 17.66 17.73
CA THR A 436 -1.86 16.67 17.04
C THR A 436 -0.74 17.34 16.21
N TYR A 437 -0.49 18.64 16.46
CA TYR A 437 0.54 19.42 15.77
C TYR A 437 1.92 18.76 15.84
N ASP A 438 2.31 18.30 17.04
CA ASP A 438 3.58 17.62 17.30
C ASP A 438 3.72 16.31 16.51
N GLU A 439 2.60 15.60 16.30
CA GLU A 439 2.59 14.38 15.50
C GLU A 439 2.70 14.72 14.01
N THR A 440 1.97 15.77 13.57
CA THR A 440 1.95 16.29 12.19
C THR A 440 3.35 16.77 11.78
N LEU A 441 4.10 17.42 12.70
CA LEU A 441 5.46 17.92 12.45
C LEU A 441 6.47 16.79 12.25
N HIS A 442 6.31 15.65 12.95
CA HIS A 442 7.19 14.49 12.80
C HIS A 442 6.93 13.80 11.47
N ALA A 443 5.64 13.61 11.13
CA ALA A 443 5.16 13.02 9.89
C ALA A 443 5.69 13.81 8.68
N ALA A 444 5.63 15.17 8.77
CA ALA A 444 6.11 16.09 7.74
C ALA A 444 7.62 15.99 7.59
N LYS A 445 8.38 16.02 8.73
CA LYS A 445 9.85 15.92 8.75
C LYS A 445 10.32 14.61 8.12
N PHE A 446 9.59 13.53 8.39
CA PHE A 446 9.89 12.20 7.90
C PHE A 446 9.59 12.03 6.40
N SER A 447 8.39 12.45 5.94
CA SER A 447 7.96 12.22 4.57
C SER A 447 8.28 13.29 3.52
N ALA A 448 8.39 14.57 3.91
CA ALA A 448 8.63 15.67 2.96
C ALA A 448 9.86 15.51 2.08
N LEU A 449 9.77 16.06 0.86
CA LEU A 449 10.82 16.09 -0.16
C LEU A 449 11.93 17.06 0.30
N ALA A 450 11.52 18.20 0.90
CA ALA A 450 12.37 19.27 1.41
C ALA A 450 11.71 19.94 2.62
N SER A 451 12.53 20.51 3.54
CA SER A 451 12.05 21.18 4.76
C SER A 451 12.78 22.49 5.02
N GLN A 452 11.98 23.54 5.25
CA GLN A 452 12.46 24.89 5.55
C GLN A 452 11.94 25.36 6.91
N LEU A 453 12.76 26.11 7.65
CA LEU A 453 12.42 26.69 8.94
C LEU A 453 12.34 28.22 8.72
N VAL A 454 11.11 28.77 8.74
CA VAL A 454 10.85 30.20 8.48
C VAL A 454 11.48 31.11 9.55
N HIS A 455 12.46 31.93 9.14
CA HIS A 455 13.21 32.85 10.01
C HIS A 455 12.77 34.29 9.77
N UNK B 1 9.38 -24.09 -10.37
CA UNK B 1 9.94 -22.74 -10.32
C UNK B 1 10.40 -22.28 -11.70
N UNK B 2 9.45 -21.87 -12.56
CA UNK B 2 9.71 -21.39 -13.92
C UNK B 2 9.69 -19.86 -13.99
N UNK B 3 10.81 -19.23 -14.40
CA UNK B 3 10.95 -17.78 -14.52
C UNK B 3 10.19 -17.18 -15.69
N UNK B 4 9.44 -16.09 -15.45
CA UNK B 4 8.64 -15.38 -16.45
C UNK B 4 7.94 -14.18 -15.82
S SO4 C . -6.99 6.76 11.29
O1 SO4 C . -8.06 7.45 10.55
O2 SO4 C . -5.89 7.68 11.55
O3 SO4 C . -7.52 6.27 12.56
O4 SO4 C . -6.50 5.64 10.49
#